data_7ES4
#
_entry.id   7ES4
#
_cell.length_a   102.478
_cell.length_b   102.478
_cell.length_c   77.650
_cell.angle_alpha   90.000
_cell.angle_beta   90.000
_cell.angle_gamma   120.000
#
_symmetry.space_group_name_H-M   'P 65'
#
loop_
_entity.id
_entity.type
_entity.pdbx_description
1 polymer 'DNA phosphorothioation-dependent restriction protein DptH'
2 water water
#
_entity_poly.entity_id   1
_entity_poly.type   'polypeptide(L)'
_entity_poly.pdbx_seq_one_letter_code
;TPLQILFGHDAVRQNPLYWEPTNTAKF(MSE)NTNTGIIGT(MSE)GTGKTQFTKSLVTQL(MSE)RNQSYNVDGKPIGL
LIFDYKSDYVDDAFLEATGAKRYQLSLLPYNPLSLFGD(MSE)P(MSE)LPRHTA(MSE)AFAET(MSE)GKAYNLGVKQ
R(MSE)KLVTLI(MSE)ECYDLAGIVPHDRSTWNRVAPTIEDVWQQYLAQEKVDEDSLYAALYNLAGFQIFETDPEK
(MSE)TSLYDLVDGVTVIELAGYPSEIQNLVVALTLDLFYAQ(MSE)QKRGKPTVRGDYRQLTK(MSE)ILVDEADNF
(MSE)RQDFASLRKILKEGREYGVGAILSTQEITHFKTGENNYASYILTWVIHRVSEIRNSDIKAVFNIDDKSEQESL
(MSE)GQIRQLEKHFSLYIDGNKKVRK(MSE)RDKAFWEL(MSE)K
;
_entity_poly.pdbx_strand_id   A
#
# COMPACT_ATOMS: atom_id res chain seq x y z
N THR A 1 -1.99 -21.87 -19.70
CA THR A 1 -0.89 -21.43 -18.79
C THR A 1 -1.00 -20.03 -18.10
N PRO A 2 -2.15 -19.31 -18.22
CA PRO A 2 -2.09 -17.95 -17.66
C PRO A 2 -2.53 -17.89 -16.18
N LEU A 3 -1.83 -17.08 -15.39
CA LEU A 3 -2.17 -16.90 -13.96
C LEU A 3 -3.64 -16.51 -13.84
N GLN A 4 -4.43 -17.36 -13.19
CA GLN A 4 -5.85 -17.08 -12.96
C GLN A 4 -6.16 -17.12 -11.49
N ILE A 5 -6.85 -16.09 -10.99
CA ILE A 5 -7.32 -16.07 -9.62
C ILE A 5 -8.82 -16.18 -9.68
N LEU A 6 -9.35 -17.13 -8.91
CA LEU A 6 -10.79 -17.32 -8.86
C LEU A 6 -11.34 -16.37 -7.82
N PHE A 7 -11.99 -15.32 -8.32
CA PHE A 7 -12.67 -14.35 -7.48
C PHE A 7 -13.94 -14.92 -6.90
N GLY A 8 -14.70 -15.65 -7.71
CA GLY A 8 -15.98 -16.19 -7.29
C GLY A 8 -16.80 -16.78 -8.43
N HIS A 9 -18.13 -16.76 -8.31
CA HIS A 9 -19.00 -17.25 -9.39
C HIS A 9 -20.10 -16.25 -9.69
N ASP A 10 -20.45 -16.13 -10.97
CA ASP A 10 -21.55 -15.25 -11.38
C ASP A 10 -22.80 -15.54 -10.53
N ALA A 11 -23.52 -14.48 -10.19
CA ALA A 11 -24.68 -14.58 -9.33
C ALA A 11 -25.76 -15.44 -9.98
N VAL A 12 -25.99 -15.22 -11.28
CA VAL A 12 -27.04 -15.93 -12.02
C VAL A 12 -26.52 -17.11 -12.84
N ARG A 13 -25.51 -16.88 -13.69
CA ARG A 13 -25.00 -17.93 -14.57
C ARG A 13 -24.21 -19.02 -13.85
N GLN A 14 -23.68 -18.71 -12.67
CA GLN A 14 -22.89 -19.65 -11.86
C GLN A 14 -21.50 -19.96 -12.43
N ASN A 15 -21.11 -19.30 -13.52
CA ASN A 15 -19.81 -19.56 -14.15
C ASN A 15 -18.67 -18.96 -13.32
N PRO A 16 -17.50 -19.63 -13.28
CA PRO A 16 -16.41 -19.07 -12.47
C PRO A 16 -15.91 -17.76 -13.05
N LEU A 17 -15.67 -16.78 -12.17
CA LEU A 17 -15.16 -15.47 -12.56
C LEU A 17 -13.69 -15.34 -12.15
N TYR A 18 -12.83 -15.15 -13.15
CA TYR A 18 -11.39 -15.12 -12.93
C TYR A 18 -10.76 -13.73 -13.05
N TRP A 19 -9.68 -13.54 -12.31
CA TRP A 19 -8.88 -12.34 -12.40
C TRP A 19 -7.57 -12.79 -13.00
N GLU A 20 -7.13 -12.08 -14.02
CA GLU A 20 -5.88 -12.40 -14.73
C GLU A 20 -4.91 -11.22 -14.73
N PRO A 21 -4.19 -10.97 -13.60
CA PRO A 21 -3.39 -9.73 -13.47
C PRO A 21 -2.16 -9.60 -14.39
N THR A 22 -1.65 -10.71 -14.93
CA THR A 22 -0.59 -10.66 -15.93
C THR A 22 -1.09 -10.33 -17.36
N ASN A 23 -2.39 -10.48 -17.61
CA ASN A 23 -2.96 -10.35 -18.98
C ASN A 23 -3.41 -8.93 -19.35
N THR A 24 -2.52 -8.19 -20.00
CA THR A 24 -2.71 -6.75 -20.21
C THR A 24 -3.85 -6.39 -21.17
N ALA A 25 -4.32 -7.37 -21.94
CA ALA A 25 -5.55 -7.21 -22.74
C ALA A 25 -6.76 -7.11 -21.82
N LYS A 26 -6.85 -8.03 -20.88
CA LYS A 26 -7.96 -8.05 -19.93
C LYS A 26 -7.77 -7.03 -18.80
N PHE A 27 -6.53 -6.80 -18.37
CA PHE A 27 -6.26 -5.82 -17.29
C PHE A 27 -4.95 -5.05 -17.53
N MSE A 28 -5.09 -3.75 -17.83
N MSE A 28 -5.08 -3.76 -17.83
CA MSE A 28 -3.94 -2.88 -18.13
CA MSE A 28 -3.90 -2.91 -18.14
C MSE A 28 -3.06 -2.69 -16.91
C MSE A 28 -3.07 -2.62 -16.92
O MSE A 28 -1.84 -2.61 -17.05
O MSE A 28 -1.85 -2.40 -17.05
CB MSE A 28 -4.43 -1.51 -18.61
CB MSE A 28 -4.34 -1.60 -18.82
CG MSE A 28 -3.28 -0.51 -18.76
CG MSE A 28 -4.59 -1.77 -20.32
SE MSE A 28 -3.95 1.22 -19.43
SE MSE A 28 -2.92 -2.10 -21.33
CE MSE A 28 -5.09 1.79 -17.93
CE MSE A 28 -2.27 -0.25 -21.42
N ASN A 29 -3.67 -2.59 -15.74
CA ASN A 29 -2.93 -2.58 -14.45
C ASN A 29 -3.62 -3.43 -13.39
N THR A 30 -2.88 -3.81 -12.35
CA THR A 30 -3.40 -4.73 -11.32
C THR A 30 -4.11 -4.02 -10.17
N ASN A 31 -4.12 -2.69 -10.22
CA ASN A 31 -4.63 -1.91 -9.11
C ASN A 31 -6.07 -2.29 -8.82
N THR A 32 -6.40 -2.46 -7.54
CA THR A 32 -7.70 -3.04 -7.15
C THR A 32 -8.29 -2.38 -5.92
N GLY A 33 -9.59 -2.06 -6.03
CA GLY A 33 -10.37 -1.58 -4.91
C GLY A 33 -11.31 -2.66 -4.40
N ILE A 34 -11.20 -3.00 -3.11
CA ILE A 34 -12.11 -3.94 -2.48
C ILE A 34 -12.87 -3.18 -1.38
N ILE A 35 -14.18 -3.04 -1.54
CA ILE A 35 -15.02 -2.25 -0.64
C ILE A 35 -16.10 -3.07 0.06
N GLY A 36 -16.37 -2.76 1.32
CA GLY A 36 -17.41 -3.43 2.08
C GLY A 36 -17.51 -2.95 3.51
N THR A 37 -18.73 -2.84 4.02
CA THR A 37 -18.94 -2.50 5.43
C THR A 37 -18.78 -3.78 6.25
N MSE A 38 -18.97 -3.68 7.57
CA MSE A 38 -18.82 -4.85 8.45
C MSE A 38 -19.87 -5.89 8.14
O MSE A 38 -20.99 -5.55 7.76
CB MSE A 38 -18.90 -4.42 9.92
CG MSE A 38 -17.67 -3.61 10.31
SE MSE A 38 -16.48 -4.64 11.50
CE MSE A 38 -15.29 -5.50 10.19
N GLY A 39 -19.50 -7.16 8.29
CA GLY A 39 -20.41 -8.30 8.10
C GLY A 39 -20.72 -8.73 6.65
N THR A 40 -19.97 -8.23 5.68
CA THR A 40 -20.15 -8.56 4.27
C THR A 40 -19.12 -9.58 3.76
N GLY A 41 -18.20 -9.97 4.65
CA GLY A 41 -17.14 -10.94 4.31
C GLY A 41 -16.12 -10.53 3.26
N LYS A 42 -15.96 -9.24 3.05
CA LYS A 42 -14.97 -8.75 2.08
C LYS A 42 -13.55 -9.19 2.44
N THR A 43 -13.24 -9.22 3.73
CA THR A 43 -11.91 -9.62 4.19
C THR A 43 -11.71 -11.10 3.91
N GLN A 44 -12.79 -11.90 4.00
CA GLN A 44 -12.70 -13.31 3.60
C GLN A 44 -12.40 -13.42 2.08
N PHE A 45 -12.94 -12.53 1.27
CA PHE A 45 -12.60 -12.48 -0.16
C PHE A 45 -11.12 -12.09 -0.37
N THR A 46 -10.74 -10.95 0.20
CA THR A 46 -9.38 -10.42 0.07
C THR A 46 -8.37 -11.51 0.40
N LYS A 47 -8.64 -12.27 1.45
CA LYS A 47 -7.77 -13.37 1.81
C LYS A 47 -7.67 -14.50 0.78
N SER A 48 -8.77 -14.75 0.08
CA SER A 48 -8.77 -15.79 -0.97
C SER A 48 -7.84 -15.34 -2.10
N LEU A 49 -8.06 -14.12 -2.55
CA LEU A 49 -7.24 -13.46 -3.56
C LEU A 49 -5.77 -13.67 -3.22
N VAL A 50 -5.39 -13.24 -2.02
CA VAL A 50 -4.00 -13.31 -1.56
C VAL A 50 -3.47 -14.71 -1.47
N THR A 51 -4.28 -15.59 -0.90
CA THR A 51 -3.90 -17.00 -0.76
C THR A 51 -3.69 -17.59 -2.16
N GLN A 52 -4.60 -17.33 -3.09
CA GLN A 52 -4.45 -17.83 -4.46
C GLN A 52 -3.23 -17.24 -5.18
N LEU A 53 -3.03 -15.94 -5.06
CA LEU A 53 -1.85 -15.32 -5.63
C LEU A 53 -0.60 -16.02 -5.17
N MSE A 54 -0.53 -16.31 -3.87
CA MSE A 54 0.64 -16.96 -3.31
C MSE A 54 0.77 -18.37 -3.87
O MSE A 54 1.87 -18.79 -4.22
CB MSE A 54 0.56 -16.99 -1.81
N ARG A 55 -0.36 -19.08 -3.93
CA ARG A 55 -0.43 -20.46 -4.47
C ARG A 55 -0.09 -20.52 -5.96
N ASN A 56 -0.60 -19.56 -6.73
CA ASN A 56 -0.53 -19.60 -8.18
C ASN A 56 0.52 -18.68 -8.81
N GLN A 57 1.49 -18.23 -8.03
CA GLN A 57 2.59 -17.40 -8.58
C GLN A 57 3.46 -18.20 -9.58
N SER A 58 3.32 -19.52 -9.54
CA SER A 58 3.88 -20.44 -10.54
C SER A 58 3.56 -20.03 -11.99
N TYR A 59 2.32 -19.62 -12.20
CA TYR A 59 1.82 -19.21 -13.52
C TYR A 59 2.24 -17.80 -13.93
N ASN A 60 2.87 -17.06 -13.01
CA ASN A 60 3.43 -15.75 -13.34
C ASN A 60 4.35 -15.89 -14.55
N VAL A 61 4.43 -14.86 -15.36
CA VAL A 61 5.30 -14.83 -16.53
C VAL A 61 6.72 -15.24 -16.06
N ASP A 62 7.34 -16.16 -16.81
CA ASP A 62 8.60 -16.85 -16.44
C ASP A 62 8.54 -17.61 -15.11
N GLY A 63 7.33 -17.85 -14.59
CA GLY A 63 7.14 -18.46 -13.27
C GLY A 63 7.84 -17.75 -12.12
N LYS A 64 8.05 -16.44 -12.24
CA LYS A 64 8.79 -15.69 -11.21
C LYS A 64 7.91 -15.52 -9.97
N PRO A 65 8.51 -15.56 -8.76
CA PRO A 65 7.68 -15.37 -7.55
C PRO A 65 7.08 -13.95 -7.43
N ILE A 66 5.96 -13.82 -6.71
CA ILE A 66 5.28 -12.54 -6.50
C ILE A 66 5.31 -12.15 -5.03
N GLY A 67 6.04 -11.08 -4.70
CA GLY A 67 6.05 -10.56 -3.32
C GLY A 67 4.74 -9.86 -3.00
N LEU A 68 4.19 -10.12 -1.82
CA LEU A 68 2.98 -9.42 -1.39
C LEU A 68 3.12 -8.75 -0.01
N LEU A 69 3.02 -7.42 0.04
CA LEU A 69 3.15 -6.69 1.31
C LEU A 69 1.79 -6.28 1.79
N ILE A 70 1.37 -6.79 2.94
CA ILE A 70 0.05 -6.48 3.47
C ILE A 70 0.19 -5.59 4.68
N PHE A 71 -0.53 -4.48 4.67
CA PHE A 71 -0.64 -3.61 5.84
C PHE A 71 -1.96 -3.90 6.56
N ASP A 72 -1.84 -4.56 7.69
CA ASP A 72 -2.94 -5.12 8.43
C ASP A 72 -3.22 -4.25 9.67
N TYR A 73 -4.22 -3.40 9.53
CA TYR A 73 -4.62 -2.44 10.58
C TYR A 73 -5.33 -3.10 11.75
N LYS A 74 -6.08 -4.16 11.48
CA LYS A 74 -6.99 -4.74 12.50
C LYS A 74 -6.67 -6.17 12.93
N SER A 75 -5.45 -6.67 12.67
CA SER A 75 -5.08 -8.07 12.98
C SER A 75 -6.05 -9.08 12.30
N ASP A 76 -6.24 -8.92 11.00
CA ASP A 76 -7.15 -9.72 10.19
C ASP A 76 -6.38 -10.71 9.28
N TYR A 77 -5.06 -10.64 9.28
CA TYR A 77 -4.26 -11.42 8.35
C TYR A 77 -3.24 -12.23 9.11
N VAL A 78 -3.57 -12.59 10.34
CA VAL A 78 -2.64 -13.34 11.21
C VAL A 78 -3.28 -14.57 11.89
N ASP A 79 -4.43 -15.01 11.41
CA ASP A 79 -4.98 -16.29 11.89
C ASP A 79 -4.13 -17.46 11.39
N ASP A 80 -4.16 -18.55 12.16
CA ASP A 80 -3.28 -19.71 11.92
C ASP A 80 -3.49 -20.31 10.54
N ALA A 81 -4.74 -20.54 10.18
CA ALA A 81 -5.06 -21.03 8.86
C ALA A 81 -4.39 -20.17 7.78
N PHE A 82 -4.67 -18.85 7.81
CA PHE A 82 -4.18 -17.94 6.75
C PHE A 82 -2.65 -17.94 6.65
N LEU A 83 -1.97 -17.90 7.79
CA LEU A 83 -0.51 -17.90 7.79
C LEU A 83 0.02 -19.25 7.32
N GLU A 84 -0.76 -20.29 7.58
CA GLU A 84 -0.41 -21.65 7.18
C GLU A 84 -0.51 -21.78 5.67
N ALA A 85 -1.64 -21.37 5.11
CA ALA A 85 -1.88 -21.49 3.66
C ALA A 85 -0.97 -20.58 2.76
N THR A 86 -0.47 -19.47 3.31
CA THR A 86 0.32 -18.53 2.53
C THR A 86 1.80 -18.64 2.86
N GLY A 87 2.12 -19.19 4.02
CA GLY A 87 3.48 -19.18 4.52
C GLY A 87 3.95 -17.75 4.79
N ALA A 88 3.02 -16.92 5.28
CA ALA A 88 3.29 -15.48 5.40
C ALA A 88 4.17 -15.21 6.59
N LYS A 89 5.20 -14.39 6.40
CA LYS A 89 5.95 -13.86 7.53
C LYS A 89 5.22 -12.64 8.11
N ARG A 90 5.41 -12.45 9.41
CA ARG A 90 4.72 -11.42 10.18
C ARG A 90 5.75 -10.50 10.78
N TYR A 91 5.56 -9.19 10.67
CA TYR A 91 6.42 -8.22 11.35
C TYR A 91 5.56 -7.35 12.25
N GLN A 92 5.99 -7.21 13.49
CA GLN A 92 5.32 -6.33 14.43
C GLN A 92 6.01 -4.97 14.39
N LEU A 93 5.35 -3.95 14.94
CA LEU A 93 5.90 -2.63 14.92
C LEU A 93 6.94 -2.44 16.00
N SER A 94 7.95 -3.30 15.99
CA SER A 94 9.06 -3.23 16.92
C SER A 94 10.34 -3.54 16.17
N LEU A 95 11.28 -2.62 16.16
CA LEU A 95 12.50 -2.82 15.45
C LEU A 95 12.26 -3.33 14.02
N LEU A 96 11.37 -2.70 13.26
CA LEU A 96 11.26 -3.07 11.84
C LEU A 96 12.65 -3.01 11.19
N PRO A 97 13.08 -4.07 10.49
CA PRO A 97 14.47 -4.16 10.08
C PRO A 97 14.71 -3.49 8.75
N TYR A 98 14.28 -2.23 8.65
CA TYR A 98 14.55 -1.40 7.47
C TYR A 98 14.61 0.05 7.92
N ASN A 99 15.20 0.88 7.07
CA ASN A 99 15.56 2.22 7.47
C ASN A 99 15.05 3.18 6.40
N PRO A 100 14.01 3.98 6.73
CA PRO A 100 13.48 5.03 5.88
C PRO A 100 14.55 5.99 5.30
N LEU A 101 15.63 6.22 6.03
CA LEU A 101 16.65 7.13 5.60
C LEU A 101 17.71 6.53 4.68
N SER A 102 17.62 5.24 4.36
CA SER A 102 18.56 4.68 3.42
C SER A 102 18.28 5.19 1.99
N LEU A 103 19.34 5.25 1.19
CA LEU A 103 19.34 5.98 -0.06
C LEU A 103 19.19 5.14 -1.31
N PHE A 104 18.22 5.49 -2.15
CA PHE A 104 18.01 4.84 -3.44
C PHE A 104 17.63 5.90 -4.46
N GLY A 105 18.23 5.79 -5.63
CA GLY A 105 18.07 6.77 -6.70
C GLY A 105 19.41 7.35 -7.08
N ASP A 106 19.39 8.22 -8.09
CA ASP A 106 20.62 8.87 -8.56
C ASP A 106 20.40 10.36 -8.81
N MSE A 107 19.23 10.88 -8.44
CA MSE A 107 18.97 12.29 -8.58
C MSE A 107 20.05 13.10 -7.85
O MSE A 107 20.62 12.65 -6.84
CB MSE A 107 17.58 12.64 -8.04
N PRO A 108 20.36 14.29 -8.38
CA PRO A 108 21.30 15.14 -7.64
C PRO A 108 20.74 15.43 -6.25
N MSE A 109 21.62 15.63 -5.29
CA MSE A 109 21.25 15.89 -3.90
C MSE A 109 20.44 14.78 -3.30
O MSE A 109 19.59 15.02 -2.41
CB MSE A 109 20.46 17.20 -3.80
CG MSE A 109 21.07 18.37 -4.58
SE MSE A 109 22.69 19.03 -3.68
CE MSE A 109 21.92 20.14 -2.25
N LEU A 110 20.68 13.55 -3.74
CA LEU A 110 19.86 12.41 -3.30
C LEU A 110 19.55 12.40 -1.80
N PRO A 111 20.57 12.55 -0.95
CA PRO A 111 20.19 12.54 0.46
C PRO A 111 19.10 13.57 0.83
N ARG A 112 19.07 14.72 0.15
CA ARG A 112 18.11 15.76 0.48
C ARG A 112 16.72 15.43 0.01
N HIS A 113 16.61 14.83 -1.18
CA HIS A 113 15.36 14.29 -1.65
C HIS A 113 14.72 13.32 -0.67
N THR A 114 15.57 12.49 -0.06
CA THR A 114 15.11 11.47 0.88
C THR A 114 14.68 12.12 2.20
N ALA A 115 15.43 13.11 2.65
CA ALA A 115 15.07 13.83 3.87
C ALA A 115 13.78 14.61 3.69
N MSE A 116 13.62 15.24 2.53
CA MSE A 116 12.43 16.02 2.26
C MSE A 116 11.18 15.17 2.16
O MSE A 116 10.13 15.58 2.63
CB MSE A 116 12.59 16.86 1.00
N ALA A 117 11.27 14.01 1.53
CA ALA A 117 10.09 13.14 1.46
C ALA A 117 9.75 12.58 2.84
N PHE A 118 10.77 12.24 3.61
CA PHE A 118 10.59 11.79 5.00
C PHE A 118 9.92 12.87 5.85
N ALA A 119 10.43 14.10 5.74
CA ALA A 119 9.85 15.20 6.48
C ALA A 119 8.40 15.46 6.09
N GLU A 120 8.11 15.39 4.80
CA GLU A 120 6.75 15.60 4.30
C GLU A 120 5.80 14.46 4.74
N THR A 121 6.28 13.23 4.71
CA THR A 121 5.49 12.12 5.22
C THR A 121 5.19 12.22 6.71
N MSE A 122 6.20 12.53 7.50
CA MSE A 122 6.07 12.68 8.93
C MSE A 122 5.22 13.91 9.22
O MSE A 122 4.45 13.86 10.12
CB MSE A 122 7.40 13.04 9.57
CG MSE A 122 7.87 11.82 10.34
SE MSE A 122 8.69 12.15 12.03
CE MSE A 122 7.31 12.00 13.33
N GLY A 123 5.38 15.01 8.48
CA GLY A 123 4.56 16.19 8.65
C GLY A 123 3.08 15.93 8.45
N LYS A 124 2.75 15.16 7.43
CA LYS A 124 1.36 14.76 7.17
C LYS A 124 0.81 13.86 8.27
N ALA A 125 1.60 12.86 8.66
CA ALA A 125 1.18 11.90 9.68
C ALA A 125 0.85 12.59 11.00
N TYR A 126 1.63 13.59 11.38
CA TYR A 126 1.43 14.26 12.66
C TYR A 126 0.96 15.72 12.55
N ASN A 127 0.53 16.13 11.36
CA ASN A 127 0.08 17.51 11.18
C ASN A 127 1.12 18.55 11.62
N LEU A 128 2.36 18.34 11.26
CA LEU A 128 3.43 19.24 11.68
C LEU A 128 3.41 20.47 10.79
N GLY A 129 3.84 21.60 11.33
CA GLY A 129 3.86 22.84 10.61
C GLY A 129 5.11 22.99 9.75
N VAL A 130 5.10 24.07 9.00
CA VAL A 130 6.16 24.40 8.07
C VAL A 130 7.54 24.42 8.70
N LYS A 131 7.64 25.05 9.84
CA LYS A 131 8.93 25.17 10.54
C LYS A 131 9.43 23.82 11.06
N GLN A 132 8.53 23.03 11.63
CA GLN A 132 8.92 21.70 12.08
C GLN A 132 9.41 20.81 10.97
N ARG A 133 8.71 20.84 9.84
CA ARG A 133 9.11 20.02 8.69
C ARG A 133 10.50 20.40 8.23
N MSE A 134 10.75 21.71 8.11
CA MSE A 134 12.07 22.23 7.74
C MSE A 134 13.16 21.83 8.73
O MSE A 134 14.28 21.45 8.35
CB MSE A 134 12.01 23.76 7.62
N LYS A 135 12.83 21.94 10.01
CA LYS A 135 13.77 21.62 11.06
C LYS A 135 14.14 20.16 10.96
N LEU A 136 13.15 19.33 10.69
CA LEU A 136 13.40 17.90 10.49
C LEU A 136 14.36 17.63 9.34
N VAL A 137 14.14 18.28 8.21
CA VAL A 137 15.06 18.10 7.07
C VAL A 137 16.47 18.53 7.48
N THR A 138 16.55 19.65 8.19
CA THR A 138 17.84 20.19 8.61
C THR A 138 18.55 19.21 9.53
N LEU A 139 17.83 18.68 10.51
CA LEU A 139 18.45 17.69 11.43
C LEU A 139 18.88 16.44 10.69
N ILE A 140 18.09 16.00 9.72
CA ILE A 140 18.45 14.80 8.99
C ILE A 140 19.69 15.01 8.12
N MSE A 141 19.81 16.18 7.51
CA MSE A 141 20.99 16.51 6.70
C MSE A 141 22.22 16.53 7.59
O MSE A 141 23.29 16.05 7.23
CB MSE A 141 20.80 17.84 5.96
CG MSE A 141 19.67 17.82 4.93
SE MSE A 141 19.75 16.26 3.71
CE MSE A 141 21.44 16.76 2.83
N GLU A 142 22.07 17.05 8.81
CA GLU A 142 23.17 16.98 9.77
C GLU A 142 23.54 15.55 10.16
N CYS A 143 22.54 14.67 10.27
CA CYS A 143 22.79 13.24 10.52
C CYS A 143 23.43 12.53 9.36
N TYR A 144 23.01 12.86 8.13
CA TYR A 144 23.72 12.32 6.96
C TYR A 144 25.20 12.78 6.96
N ASP A 145 25.45 14.03 7.35
CA ASP A 145 26.81 14.57 7.37
C ASP A 145 27.68 13.82 8.39
N LEU A 146 27.23 13.74 9.64
CA LEU A 146 27.95 12.97 10.67
C LEU A 146 28.27 11.56 10.19
N ALA A 147 27.44 11.00 9.31
CA ALA A 147 27.71 9.69 8.71
C ALA A 147 28.58 9.71 7.45
N GLY A 148 29.14 10.87 7.11
CA GLY A 148 29.96 10.99 5.88
C GLY A 148 29.15 10.96 4.58
N ILE A 149 27.85 11.22 4.68
CA ILE A 149 27.00 11.26 3.48
C ILE A 149 26.69 12.72 3.21
N VAL A 150 27.07 13.18 2.02
CA VAL A 150 27.01 14.59 1.71
C VAL A 150 26.35 14.73 0.33
N PRO A 151 25.43 15.70 0.21
CA PRO A 151 24.56 15.80 -0.98
C PRO A 151 25.21 16.12 -2.31
N HIS A 152 26.33 16.80 -2.30
CA HIS A 152 26.99 17.18 -3.55
C HIS A 152 27.95 16.14 -4.05
N ASP A 153 28.24 15.15 -3.22
CA ASP A 153 29.22 14.09 -3.57
C ASP A 153 28.59 12.70 -3.61
N ARG A 154 28.28 12.25 -4.82
CA ARG A 154 27.56 11.01 -5.02
C ARG A 154 28.36 9.76 -4.68
N SER A 155 29.67 9.90 -4.44
CA SER A 155 30.49 8.76 -4.02
C SER A 155 30.28 8.41 -2.55
N THR A 156 29.74 9.33 -1.77
CA THR A 156 29.40 9.03 -0.39
C THR A 156 28.03 8.37 -0.21
N TRP A 157 27.27 8.19 -1.28
CA TRP A 157 25.86 7.79 -1.18
C TRP A 157 25.63 6.32 -0.88
N ASN A 158 26.68 5.52 -0.87
CA ASN A 158 26.58 4.08 -0.58
C ASN A 158 26.96 3.77 0.85
N ARG A 159 27.37 4.79 1.60
CA ARG A 159 27.69 4.61 3.00
C ARG A 159 26.42 4.34 3.82
N VAL A 160 26.61 3.89 5.05
CA VAL A 160 25.53 3.41 5.90
C VAL A 160 24.71 4.60 6.41
N ALA A 161 23.41 4.57 6.16
CA ALA A 161 22.55 5.71 6.49
C ALA A 161 22.34 5.85 7.98
N PRO A 162 22.24 7.10 8.48
CA PRO A 162 21.76 7.21 9.84
C PRO A 162 20.29 6.69 9.97
N THR A 163 19.86 6.47 11.21
CA THR A 163 18.51 6.03 11.51
C THR A 163 17.70 7.08 12.24
N ILE A 164 16.41 6.79 12.41
CA ILE A 164 15.48 7.64 13.13
C ILE A 164 15.98 7.96 14.53
N GLU A 165 16.62 6.97 15.17
CA GLU A 165 17.24 7.17 16.51
C GLU A 165 18.33 8.29 16.47
N ASP A 166 19.21 8.27 15.47
CA ASP A 166 20.21 9.33 15.31
C ASP A 166 19.56 10.68 15.12
N VAL A 167 18.45 10.72 14.38
CA VAL A 167 17.73 11.99 14.21
C VAL A 167 17.18 12.49 15.53
N TRP A 168 16.67 11.58 16.37
CA TRP A 168 16.08 11.97 17.66
C TRP A 168 17.19 12.46 18.59
N GLN A 169 18.26 11.70 18.69
CA GLN A 169 19.48 12.16 19.38
C GLN A 169 19.93 13.55 18.91
N GLN A 170 19.92 13.79 17.61
CA GLN A 170 20.30 15.10 17.11
C GLN A 170 19.33 16.18 17.55
N TYR A 171 18.04 15.86 17.57
CA TYR A 171 17.06 16.82 18.05
C TYR A 171 17.38 17.25 19.48
N LEU A 172 17.77 16.28 20.31
CA LEU A 172 18.00 16.53 21.73
C LEU A 172 19.27 17.35 21.90
N ALA A 173 20.28 17.10 21.06
CA ALA A 173 21.58 17.76 21.20
C ALA A 173 21.63 19.18 20.66
N GLN A 174 20.51 19.71 20.20
CA GLN A 174 20.46 21.10 19.73
C GLN A 174 20.66 22.08 20.89
N GLU A 175 21.05 23.30 20.56
CA GLU A 175 21.19 24.37 21.56
C GLU A 175 19.84 24.87 22.05
N LYS A 176 18.88 25.02 21.13
CA LYS A 176 17.49 25.31 21.49
C LYS A 176 16.61 24.11 21.10
N VAL A 177 16.13 23.39 22.11
CA VAL A 177 15.31 22.20 21.89
C VAL A 177 13.85 22.57 22.12
N ASP A 178 13.11 22.85 21.04
CA ASP A 178 11.74 23.28 21.19
C ASP A 178 10.90 22.13 21.72
N GLU A 179 9.89 22.44 22.53
CA GLU A 179 9.03 21.42 23.14
C GLU A 179 7.66 21.54 22.51
N ASP A 180 7.60 21.01 21.31
CA ASP A 180 6.47 21.22 20.45
C ASP A 180 6.04 19.87 19.90
N SER A 181 5.12 19.90 18.95
CA SER A 181 4.53 18.69 18.36
C SER A 181 5.56 17.79 17.67
N LEU A 182 6.63 18.34 17.14
CA LEU A 182 7.70 17.53 16.53
C LEU A 182 8.50 16.84 17.60
N TYR A 183 8.73 17.53 18.72
CA TYR A 183 9.43 16.91 19.82
C TYR A 183 8.62 15.68 20.28
N ALA A 184 7.31 15.87 20.46
CA ALA A 184 6.46 14.82 20.96
C ALA A 184 6.42 13.63 20.00
N ALA A 185 6.30 13.91 18.71
CA ALA A 185 6.23 12.86 17.70
C ALA A 185 7.51 12.05 17.67
N LEU A 186 8.65 12.72 17.77
CA LEU A 186 9.93 12.03 17.77
C LEU A 186 10.23 11.26 19.05
N TYR A 187 9.97 11.89 20.20
CA TYR A 187 10.12 11.21 21.49
C TYR A 187 9.44 9.84 21.45
N ASN A 188 8.24 9.84 20.92
CA ASN A 188 7.37 8.69 20.88
C ASN A 188 7.79 7.65 19.82
N LEU A 189 8.06 8.14 18.60
CA LEU A 189 8.52 7.31 17.50
C LEU A 189 9.81 6.60 17.87
N ALA A 190 10.72 7.32 18.50
CA ALA A 190 11.97 6.72 18.94
C ALA A 190 11.79 5.88 20.21
N GLY A 191 10.97 6.34 21.15
CA GLY A 191 10.77 5.60 22.41
C GLY A 191 10.20 4.20 22.17
N PHE A 192 9.25 4.08 21.25
CA PHE A 192 8.69 2.78 20.91
C PHE A 192 9.60 1.90 20.05
N GLN A 193 10.72 2.46 19.62
CA GLN A 193 11.67 1.80 18.70
C GLN A 193 10.91 1.01 17.63
N ILE A 194 10.10 1.75 16.88
CA ILE A 194 9.29 1.18 15.80
C ILE A 194 10.21 0.61 14.71
N PHE A 195 11.21 1.38 14.31
CA PHE A 195 12.20 0.93 13.35
C PHE A 195 13.50 0.54 14.05
N GLU A 196 14.20 -0.39 13.42
CA GLU A 196 15.52 -0.80 13.92
C GLU A 196 16.38 0.41 14.23
N THR A 197 16.98 0.44 15.44
CA THR A 197 17.85 1.53 15.88
C THR A 197 19.29 1.44 15.37
N ASP A 198 19.77 0.23 15.10
CA ASP A 198 21.15 0.05 14.66
C ASP A 198 21.26 0.17 13.13
N PRO A 199 21.91 1.25 12.63
CA PRO A 199 22.11 1.46 11.18
C PRO A 199 22.64 0.24 10.42
N GLU A 200 23.42 -0.60 11.11
CA GLU A 200 24.02 -1.82 10.54
C GLU A 200 23.05 -2.96 10.32
N LYS A 201 21.90 -2.95 11.00
CA LYS A 201 20.95 -4.10 10.94
C LYS A 201 19.81 -3.84 9.96
N MSE A 202 19.87 -2.71 9.26
CA MSE A 202 18.87 -2.38 8.26
C MSE A 202 19.06 -3.34 7.09
O MSE A 202 20.18 -3.55 6.65
CB MSE A 202 19.03 -0.94 7.79
N THR A 203 17.98 -3.92 6.61
CA THR A 203 18.02 -4.72 5.40
C THR A 203 17.12 -4.09 4.34
N SER A 204 17.15 -4.66 3.14
CA SER A 204 16.39 -4.15 2.00
C SER A 204 14.89 -4.45 2.13
N LEU A 205 14.09 -3.39 2.18
CA LEU A 205 12.65 -3.54 2.25
C LEU A 205 12.10 -4.31 1.07
N TYR A 206 12.55 -3.92 -0.11
CA TYR A 206 12.05 -4.44 -1.36
C TYR A 206 12.21 -5.96 -1.39
N ASP A 207 13.34 -6.43 -0.88
CA ASP A 207 13.63 -7.86 -0.84
C ASP A 207 13.01 -8.55 0.34
N LEU A 208 12.79 -7.79 1.41
CA LEU A 208 12.06 -8.26 2.56
C LEU A 208 10.67 -8.75 2.12
N VAL A 209 10.14 -8.16 1.05
CA VAL A 209 8.84 -8.57 0.52
C VAL A 209 9.05 -9.72 -0.48
N ASP A 210 9.42 -10.87 0.07
CA ASP A 210 9.40 -12.14 -0.67
C ASP A 210 8.28 -12.96 -0.08
N GLY A 211 7.39 -13.42 -0.93
CA GLY A 211 6.19 -14.08 -0.45
C GLY A 211 5.29 -13.08 0.27
N VAL A 212 4.35 -13.63 1.01
CA VAL A 212 3.36 -12.85 1.71
C VAL A 212 3.95 -12.30 2.98
N THR A 213 3.96 -10.98 3.08
CA THR A 213 4.60 -10.32 4.22
C THR A 213 3.52 -9.46 4.89
N VAL A 214 3.36 -9.64 6.21
CA VAL A 214 2.33 -8.96 6.97
C VAL A 214 2.96 -8.02 7.99
N ILE A 215 2.61 -6.75 7.87
CA ILE A 215 3.00 -5.76 8.84
C ILE A 215 1.78 -5.47 9.65
N GLU A 216 1.80 -5.84 10.92
N GLU A 216 1.91 -5.70 10.94
CA GLU A 216 0.61 -5.66 11.74
CA GLU A 216 0.80 -5.65 11.88
C GLU A 216 0.73 -4.37 12.55
C GLU A 216 0.75 -4.32 12.60
N LEU A 217 -0.29 -3.54 12.34
CA LEU A 217 -0.32 -2.19 12.82
C LEU A 217 -1.17 -2.03 14.07
N ALA A 218 -1.95 -3.05 14.42
CA ALA A 218 -2.87 -2.95 15.57
C ALA A 218 -2.17 -2.60 16.88
N GLY A 219 -2.85 -1.81 17.71
CA GLY A 219 -2.33 -1.45 19.04
C GLY A 219 -1.47 -0.21 19.06
N TYR A 220 -1.45 0.54 17.96
CA TYR A 220 -0.65 1.76 17.87
C TYR A 220 -1.54 2.90 17.40
N PRO A 221 -1.30 4.15 17.85
CA PRO A 221 -2.18 5.25 17.39
C PRO A 221 -2.13 5.41 15.88
N SER A 222 -3.17 5.98 15.30
CA SER A 222 -3.29 6.08 13.85
C SER A 222 -2.20 6.96 13.22
N GLU A 223 -1.58 7.87 14.00
CA GLU A 223 -0.42 8.63 13.56
C GLU A 223 0.76 7.71 13.22
N ILE A 224 1.11 6.85 14.17
CA ILE A 224 2.20 5.94 14.00
C ILE A 224 1.90 4.92 12.90
N GLN A 225 0.67 4.40 12.89
CA GLN A 225 0.27 3.45 11.88
C GLN A 225 0.42 4.01 10.47
N ASN A 226 -0.15 5.20 10.27
CA ASN A 226 -0.10 5.83 8.98
C ASN A 226 1.31 6.19 8.61
N LEU A 227 2.10 6.65 9.59
CA LEU A 227 3.51 6.97 9.34
C LEU A 227 4.23 5.72 8.84
N VAL A 228 3.96 4.57 9.46
CA VAL A 228 4.69 3.35 9.09
C VAL A 228 4.33 2.90 7.69
N VAL A 229 3.05 2.96 7.38
CA VAL A 229 2.60 2.60 6.04
C VAL A 229 3.24 3.55 5.01
N ALA A 230 3.09 4.86 5.21
CA ALA A 230 3.63 5.85 4.25
C ALA A 230 5.14 5.80 4.15
N LEU A 231 5.87 5.63 5.25
CA LEU A 231 7.35 5.57 5.17
C LEU A 231 7.79 4.29 4.45
N THR A 232 7.05 3.21 4.68
CA THR A 232 7.37 1.93 4.05
C THR A 232 7.12 2.06 2.56
N LEU A 233 6.00 2.68 2.19
CA LEU A 233 5.71 2.96 0.77
C LEU A 233 6.68 3.95 0.11
N ASP A 234 7.11 5.02 0.81
CA ASP A 234 8.13 5.92 0.25
C ASP A 234 9.38 5.12 -0.09
N LEU A 235 9.82 4.29 0.85
CA LEU A 235 11.06 3.54 0.65
C LEU A 235 10.87 2.50 -0.45
N PHE A 236 9.74 1.83 -0.44
CA PHE A 236 9.45 0.85 -1.44
C PHE A 236 9.49 1.47 -2.84
N TYR A 237 8.74 2.56 -3.04
CA TYR A 237 8.73 3.28 -4.30
C TYR A 237 10.15 3.62 -4.77
N ALA A 238 10.99 4.10 -3.87
CA ALA A 238 12.36 4.48 -4.26
C ALA A 238 13.15 3.26 -4.74
N GLN A 239 13.07 2.15 -4.01
CA GLN A 239 13.73 0.93 -4.48
C GLN A 239 13.15 0.44 -5.80
N MSE A 240 11.82 0.47 -5.95
CA MSE A 240 11.15 -0.09 -7.14
C MSE A 240 11.61 0.57 -8.41
O MSE A 240 11.81 -0.09 -9.42
CB MSE A 240 9.64 0.06 -6.95
CG MSE A 240 8.82 -0.27 -8.18
SE MSE A 240 7.05 0.57 -7.99
CE MSE A 240 7.67 2.39 -8.46
N GLN A 241 11.80 1.88 -8.37
CA GLN A 241 12.34 2.65 -9.50
C GLN A 241 13.70 2.17 -9.99
N LYS A 242 14.49 1.59 -9.08
CA LYS A 242 15.86 1.15 -9.35
C LYS A 242 15.98 -0.34 -9.70
N ARG A 243 14.88 -1.07 -9.73
CA ARG A 243 14.95 -2.52 -9.94
C ARG A 243 14.57 -2.97 -11.33
N GLY A 244 14.14 -2.03 -12.18
CA GLY A 244 13.90 -2.36 -13.58
C GLY A 244 12.50 -2.81 -13.91
N LYS A 245 12.31 -3.18 -15.17
CA LYS A 245 10.99 -3.45 -15.69
C LYS A 245 10.79 -4.93 -15.92
N PRO A 246 9.54 -5.40 -15.74
CA PRO A 246 9.27 -6.80 -15.84
C PRO A 246 9.36 -7.28 -17.28
N THR A 247 9.49 -8.60 -17.42
CA THR A 247 9.56 -9.26 -18.70
C THR A 247 8.17 -9.22 -19.34
N VAL A 248 8.09 -8.70 -20.56
CA VAL A 248 6.85 -8.61 -21.31
C VAL A 248 6.90 -9.52 -22.54
N ARG A 249 5.91 -10.41 -22.64
CA ARG A 249 5.76 -11.31 -23.79
C ARG A 249 4.32 -11.30 -24.32
N GLY A 250 4.12 -10.66 -25.46
CA GLY A 250 2.81 -10.54 -26.08
C GLY A 250 1.88 -9.70 -25.20
N ASP A 251 0.74 -10.28 -24.83
CA ASP A 251 -0.24 -9.59 -23.97
C ASP A 251 0.08 -9.70 -22.48
N TYR A 252 1.12 -10.47 -22.14
CA TYR A 252 1.38 -10.86 -20.76
C TYR A 252 2.59 -10.16 -20.12
N ARG A 253 2.32 -9.43 -19.03
CA ARG A 253 3.35 -8.78 -18.24
C ARG A 253 3.53 -9.44 -16.87
N GLN A 254 4.77 -9.79 -16.56
CA GLN A 254 5.16 -10.38 -15.29
C GLN A 254 4.80 -9.49 -14.11
N LEU A 255 4.35 -10.12 -13.03
CA LEU A 255 3.97 -9.41 -11.83
C LEU A 255 5.16 -9.56 -10.89
N THR A 256 5.61 -8.48 -10.27
CA THR A 256 6.78 -8.56 -9.38
C THR A 256 6.34 -8.43 -7.92
N LYS A 257 5.64 -7.35 -7.59
CA LYS A 257 5.18 -7.13 -6.20
C LYS A 257 3.77 -6.58 -6.17
N MSE A 258 3.01 -6.93 -5.13
CA MSE A 258 1.70 -6.32 -4.90
C MSE A 258 1.73 -5.77 -3.50
O MSE A 258 2.44 -6.31 -2.64
CB MSE A 258 0.57 -7.33 -4.94
CG MSE A 258 0.38 -7.98 -6.32
SE MSE A 258 -0.55 -6.76 -7.57
CE MSE A 258 -2.34 -6.93 -6.78
N ILE A 259 0.98 -4.71 -3.27
CA ILE A 259 0.85 -4.11 -1.96
C ILE A 259 -0.64 -4.06 -1.63
N LEU A 260 -0.96 -4.43 -0.39
CA LEU A 260 -2.34 -4.38 0.12
C LEU A 260 -2.40 -3.53 1.38
N VAL A 261 -3.37 -2.62 1.44
CA VAL A 261 -3.62 -1.81 2.64
C VAL A 261 -5.04 -2.13 3.05
N ASP A 262 -5.22 -2.77 4.20
CA ASP A 262 -6.57 -3.16 4.62
C ASP A 262 -7.07 -2.28 5.75
N GLU A 263 -8.25 -1.71 5.56
CA GLU A 263 -8.76 -0.54 6.25
C GLU A 263 -7.91 0.66 5.79
N ALA A 264 -8.05 0.99 4.52
CA ALA A 264 -7.27 2.04 3.86
C ALA A 264 -7.91 3.43 3.91
N ASP A 265 -9.12 3.54 4.44
CA ASP A 265 -9.90 4.77 4.33
C ASP A 265 -9.19 6.01 4.89
N ASN A 266 -8.75 5.92 6.14
N ASN A 266 -8.77 5.93 6.14
CA ASN A 266 -8.11 7.05 6.81
CA ASN A 266 -8.10 7.04 6.82
C ASN A 266 -6.72 7.37 6.22
C ASN A 266 -6.73 7.37 6.24
N PHE A 267 -5.98 6.35 5.81
CA PHE A 267 -4.69 6.57 5.17
C PHE A 267 -4.86 7.34 3.87
N MSE A 268 -5.86 6.94 3.07
CA MSE A 268 -6.14 7.53 1.75
C MSE A 268 -6.51 8.98 1.91
O MSE A 268 -6.13 9.81 1.10
CB MSE A 268 -7.28 6.82 1.01
CG MSE A 268 -6.93 5.44 0.42
SE MSE A 268 -8.55 4.30 0.12
CE MSE A 268 -8.91 5.12 -1.63
N ARG A 269 -7.28 9.28 2.95
CA ARG A 269 -7.69 10.65 3.23
C ARG A 269 -6.50 11.56 3.47
N GLN A 270 -5.44 11.04 4.06
N GLN A 270 -5.44 11.04 4.08
CA GLN A 270 -4.27 11.87 4.34
CA GLN A 270 -4.25 11.83 4.37
C GLN A 270 -3.50 12.27 3.08
C GLN A 270 -3.51 12.28 3.09
N ASP A 271 -3.72 11.57 1.98
CA ASP A 271 -3.13 11.93 0.68
C ASP A 271 -1.59 11.86 0.64
N PHE A 272 -1.03 10.76 1.16
CA PHE A 272 0.40 10.54 1.14
C PHE A 272 0.89 10.37 -0.30
N ALA A 273 1.97 11.05 -0.62
CA ALA A 273 2.44 11.15 -2.01
C ALA A 273 2.72 9.78 -2.63
N SER A 274 3.35 8.90 -1.85
CA SER A 274 3.91 7.68 -2.41
C SER A 274 2.82 6.69 -2.84
N LEU A 275 1.67 6.70 -2.17
CA LEU A 275 0.58 5.84 -2.57
C LEU A 275 0.14 6.17 -4.00
N ARG A 276 -0.04 7.47 -4.27
CA ARG A 276 -0.45 7.92 -5.59
C ARG A 276 0.62 7.57 -6.61
N LYS A 277 1.89 7.77 -6.25
CA LYS A 277 2.98 7.42 -7.14
C LYS A 277 2.94 5.94 -7.51
N ILE A 278 2.72 5.08 -6.52
CA ILE A 278 2.71 3.63 -6.79
C ILE A 278 1.53 3.28 -7.70
N LEU A 279 0.35 3.78 -7.36
CA LEU A 279 -0.85 3.52 -8.19
C LEU A 279 -0.64 3.93 -9.66
N LYS A 280 -0.01 5.07 -9.88
CA LYS A 280 0.23 5.62 -11.21
C LYS A 280 1.40 4.94 -11.93
N GLU A 281 2.51 4.75 -11.24
CA GLU A 281 3.73 4.28 -11.90
C GLU A 281 4.11 2.82 -11.70
N GLY A 282 3.39 2.14 -10.81
CA GLY A 282 3.70 0.75 -10.50
C GLY A 282 3.67 -0.15 -11.72
N ARG A 283 2.74 0.09 -12.64
CA ARG A 283 2.50 -0.82 -13.77
C ARG A 283 3.79 -1.23 -14.52
N GLU A 284 4.62 -0.27 -14.87
CA GLU A 284 5.80 -0.56 -15.66
C GLU A 284 6.87 -1.31 -14.85
N TYR A 285 6.77 -1.29 -13.52
CA TYR A 285 7.68 -2.04 -12.65
C TYR A 285 7.10 -3.37 -12.19
N GLY A 286 5.92 -3.71 -12.69
CA GLY A 286 5.27 -4.96 -12.30
C GLY A 286 4.66 -4.90 -10.91
N VAL A 287 4.41 -3.68 -10.43
CA VAL A 287 3.84 -3.47 -9.12
C VAL A 287 2.43 -2.94 -9.20
N GLY A 288 1.55 -3.50 -8.36
CA GLY A 288 0.19 -2.99 -8.21
C GLY A 288 -0.23 -2.88 -6.76
N ALA A 289 -1.33 -2.17 -6.51
CA ALA A 289 -1.79 -1.89 -5.19
C ALA A 289 -3.22 -2.32 -5.05
N ILE A 290 -3.55 -2.84 -3.88
CA ILE A 290 -4.94 -3.17 -3.57
C ILE A 290 -5.33 -2.40 -2.34
N LEU A 291 -6.46 -1.73 -2.43
CA LEU A 291 -6.99 -0.92 -1.38
C LEU A 291 -8.31 -1.47 -0.94
N SER A 292 -8.35 -1.92 0.30
CA SER A 292 -9.54 -2.41 0.94
C SER A 292 -10.04 -1.38 1.95
N THR A 293 -11.32 -1.04 1.84
CA THR A 293 -11.97 0.08 2.52
C THR A 293 -13.37 -0.31 3.00
N GLN A 294 -13.89 0.49 3.94
CA GLN A 294 -15.26 0.36 4.44
C GLN A 294 -16.21 1.08 3.50
N GLU A 295 -15.83 2.30 3.14
CA GLU A 295 -16.63 3.17 2.29
C GLU A 295 -16.07 3.16 0.86
N ILE A 296 -16.82 3.76 -0.05
CA ILE A 296 -16.34 4.09 -1.40
C ILE A 296 -15.88 5.54 -1.43
N THR A 297 -16.33 6.28 -0.43
CA THR A 297 -16.19 7.73 -0.36
C THR A 297 -14.84 8.26 -0.79
N HIS A 298 -13.77 7.67 -0.28
CA HIS A 298 -12.44 8.30 -0.40
C HIS A 298 -11.67 7.92 -1.65
N PHE A 299 -12.30 7.18 -2.56
CA PHE A 299 -11.69 6.83 -3.86
C PHE A 299 -11.83 7.93 -4.94
N LYS A 300 -12.83 8.79 -4.76
CA LYS A 300 -13.21 9.81 -5.76
C LYS A 300 -12.58 11.17 -5.47
N THR A 301 -12.04 11.33 -4.28
CA THR A 301 -11.72 12.64 -3.78
C THR A 301 -10.51 13.22 -4.52
N GLY A 302 -10.56 14.53 -4.74
CA GLY A 302 -9.47 15.28 -5.37
C GLY A 302 -9.38 15.12 -6.87
N GLU A 303 -8.49 15.92 -7.47
CA GLU A 303 -8.08 15.76 -8.87
C GLU A 303 -7.16 14.54 -8.93
N ASN A 304 -7.17 13.85 -10.07
CA ASN A 304 -6.46 12.58 -10.20
C ASN A 304 -6.79 11.71 -8.97
N ASN A 305 -8.08 11.39 -8.82
CA ASN A 305 -8.54 10.63 -7.65
C ASN A 305 -8.02 9.20 -7.70
N TYR A 306 -8.13 8.49 -6.58
CA TYR A 306 -7.61 7.13 -6.51
C TYR A 306 -8.36 6.21 -7.48
N ALA A 307 -9.68 6.39 -7.57
CA ALA A 307 -10.52 5.70 -8.58
C ALA A 307 -9.91 5.74 -9.97
N SER A 308 -9.41 6.91 -10.35
CA SER A 308 -8.85 7.11 -11.69
C SER A 308 -7.69 6.18 -12.03
N TYR A 309 -7.11 5.47 -11.07
CA TYR A 309 -6.01 4.54 -11.37
C TYR A 309 -6.40 3.08 -11.11
N ILE A 310 -7.62 2.85 -10.64
CA ILE A 310 -8.05 1.51 -10.26
C ILE A 310 -8.97 0.89 -11.32
N LEU A 311 -8.51 -0.19 -11.95
CA LEU A 311 -9.30 -0.85 -13.01
C LEU A 311 -10.17 -2.01 -12.53
N THR A 312 -9.76 -2.67 -11.45
CA THR A 312 -10.52 -3.78 -10.91
C THR A 312 -11.25 -3.35 -9.62
N TRP A 313 -12.55 -3.62 -9.56
CA TRP A 313 -13.34 -3.27 -8.40
C TRP A 313 -14.15 -4.47 -7.93
N VAL A 314 -14.23 -4.66 -6.63
CA VAL A 314 -15.05 -5.72 -6.03
C VAL A 314 -15.82 -5.06 -4.89
N ILE A 315 -17.00 -4.57 -5.23
CA ILE A 315 -17.79 -3.73 -4.36
C ILE A 315 -18.79 -4.61 -3.62
N HIS A 316 -18.64 -4.69 -2.30
CA HIS A 316 -19.64 -5.33 -1.44
C HIS A 316 -20.59 -4.24 -0.97
N ARG A 317 -21.44 -4.58 0.01
CA ARG A 317 -22.43 -3.64 0.56
C ARG A 317 -21.81 -2.49 1.35
N VAL A 318 -22.42 -1.30 1.21
CA VAL A 318 -21.99 -0.10 1.91
C VAL A 318 -23.20 0.65 2.48
N SER A 319 -23.09 1.13 3.72
CA SER A 319 -24.13 1.98 4.31
C SER A 319 -24.32 3.28 3.50
N GLU A 320 -23.28 4.10 3.44
CA GLU A 320 -23.33 5.42 2.80
C GLU A 320 -22.77 5.41 1.40
N ILE A 321 -23.57 5.84 0.42
CA ILE A 321 -23.11 5.97 -0.97
C ILE A 321 -23.64 7.28 -1.53
N ARG A 322 -22.99 7.78 -2.58
CA ARG A 322 -23.41 8.98 -3.29
C ARG A 322 -23.35 8.72 -4.78
N ASN A 323 -23.86 9.68 -5.56
CA ASN A 323 -23.81 9.62 -7.00
C ASN A 323 -22.37 9.80 -7.48
N SER A 324 -21.69 10.77 -6.84
CA SER A 324 -20.27 11.05 -7.07
C SER A 324 -19.43 9.76 -7.07
N ASP A 325 -19.79 8.85 -6.15
CA ASP A 325 -19.07 7.59 -5.98
C ASP A 325 -19.28 6.65 -7.16
N ILE A 326 -20.51 6.60 -7.69
CA ILE A 326 -20.82 5.72 -8.83
C ILE A 326 -20.13 6.26 -10.09
N LYS A 327 -20.18 7.56 -10.28
CA LYS A 327 -19.44 8.18 -11.36
C LYS A 327 -17.96 7.87 -11.22
N ALA A 328 -17.44 7.94 -10.00
CA ALA A 328 -16.03 7.69 -9.73
C ALA A 328 -15.65 6.25 -10.06
N VAL A 329 -16.35 5.32 -9.43
CA VAL A 329 -16.02 3.88 -9.52
C VAL A 329 -16.49 3.26 -10.85
N PHE A 330 -17.78 3.33 -11.11
CA PHE A 330 -18.37 2.72 -12.30
C PHE A 330 -18.12 3.54 -13.56
N ASN A 331 -18.04 4.85 -13.40
CA ASN A 331 -17.80 5.75 -14.54
C ASN A 331 -19.00 5.76 -15.48
N ILE A 332 -20.16 6.14 -14.95
CA ILE A 332 -21.39 6.21 -15.74
C ILE A 332 -22.19 7.47 -15.36
N ASP A 333 -22.56 8.26 -16.36
CA ASP A 333 -23.20 9.56 -16.15
C ASP A 333 -24.71 9.51 -15.99
N ASP A 334 -25.35 8.54 -16.64
CA ASP A 334 -26.81 8.45 -16.66
C ASP A 334 -27.35 8.16 -15.26
N LYS A 335 -28.21 9.08 -14.79
CA LYS A 335 -28.67 9.12 -13.40
C LYS A 335 -29.58 7.98 -12.96
N SER A 336 -30.07 7.20 -13.93
CA SER A 336 -30.98 6.11 -13.58
C SER A 336 -30.24 4.85 -13.15
N GLU A 337 -29.23 4.43 -13.91
CA GLU A 337 -28.39 3.29 -13.49
C GLU A 337 -27.74 3.53 -12.12
N GLN A 338 -27.41 4.79 -11.84
CA GLN A 338 -26.79 5.17 -10.57
C GLN A 338 -27.64 4.70 -9.41
N GLU A 339 -28.94 4.86 -9.55
CA GLU A 339 -29.90 4.47 -8.52
C GLU A 339 -30.07 2.96 -8.35
N SER A 340 -30.17 2.22 -9.45
CA SER A 340 -30.28 0.75 -9.36
C SER A 340 -28.99 0.19 -8.76
N LEU A 341 -27.85 0.66 -9.24
CA LEU A 341 -26.55 0.31 -8.64
C LEU A 341 -26.53 0.63 -7.15
N MSE A 342 -26.96 1.84 -6.79
CA MSE A 342 -26.94 2.29 -5.37
C MSE A 342 -27.78 1.41 -4.49
O MSE A 342 -27.30 0.89 -3.48
CB MSE A 342 -27.42 3.73 -5.23
CG MSE A 342 -26.23 4.69 -5.34
SE MSE A 342 -26.74 6.58 -5.18
CE MSE A 342 -26.52 7.05 -7.07
N GLY A 343 -29.05 1.25 -4.86
CA GLY A 343 -29.96 0.41 -4.09
C GLY A 343 -29.51 -1.04 -4.12
N GLN A 344 -29.01 -1.46 -5.28
CA GLN A 344 -28.49 -2.82 -5.50
C GLN A 344 -27.26 -3.13 -4.62
N ILE A 345 -26.34 -2.16 -4.52
CA ILE A 345 -25.20 -2.26 -3.60
C ILE A 345 -25.69 -2.26 -2.15
N ARG A 346 -26.63 -1.37 -1.82
CA ARG A 346 -27.28 -1.38 -0.50
C ARG A 346 -27.92 -2.73 -0.14
N GLN A 347 -28.44 -3.44 -1.13
CA GLN A 347 -29.12 -4.73 -0.88
C GLN A 347 -28.18 -5.93 -0.86
N LEU A 348 -26.95 -5.76 -1.33
CA LEU A 348 -26.00 -6.88 -1.45
C LEU A 348 -25.85 -7.65 -0.15
N GLU A 349 -25.69 -8.96 -0.29
CA GLU A 349 -25.66 -9.89 0.84
C GLU A 349 -24.24 -10.37 1.16
N LYS A 350 -24.07 -10.86 2.38
CA LYS A 350 -22.79 -11.35 2.84
C LYS A 350 -22.15 -12.30 1.83
N HIS A 351 -20.93 -11.97 1.43
CA HIS A 351 -20.17 -12.70 0.40
C HIS A 351 -20.63 -12.44 -1.04
N PHE A 352 -21.54 -11.49 -1.23
CA PHE A 352 -21.92 -11.09 -2.59
C PHE A 352 -21.34 -9.72 -2.89
N SER A 353 -21.02 -9.48 -4.16
CA SER A 353 -20.41 -8.22 -4.58
C SER A 353 -20.73 -7.89 -6.03
N LEU A 354 -20.43 -6.65 -6.44
CA LEU A 354 -20.43 -6.28 -7.85
C LEU A 354 -18.99 -6.27 -8.34
N TYR A 355 -18.64 -7.26 -9.13
CA TYR A 355 -17.30 -7.36 -9.71
C TYR A 355 -17.20 -6.58 -11.04
N ILE A 356 -16.32 -5.57 -11.06
CA ILE A 356 -16.02 -4.82 -12.29
C ILE A 356 -14.67 -5.27 -12.81
N ASP A 357 -14.66 -5.92 -13.97
CA ASP A 357 -13.40 -6.36 -14.54
C ASP A 357 -12.75 -5.21 -15.30
N GLY A 358 -11.61 -5.49 -15.95
CA GLY A 358 -10.78 -4.45 -16.53
C GLY A 358 -11.30 -3.88 -17.83
N ASN A 359 -12.30 -4.56 -18.41
CA ASN A 359 -13.01 -4.06 -19.58
C ASN A 359 -14.37 -3.48 -19.18
N LYS A 360 -14.45 -3.02 -17.93
CA LYS A 360 -15.58 -2.23 -17.40
C LYS A 360 -16.92 -2.96 -17.33
N LYS A 361 -16.89 -4.28 -17.44
CA LYS A 361 -18.09 -5.09 -17.40
C LYS A 361 -18.45 -5.40 -15.94
N VAL A 362 -19.65 -5.01 -15.51
CA VAL A 362 -20.14 -5.28 -14.16
C VAL A 362 -20.82 -6.64 -14.13
N ARG A 363 -20.61 -7.42 -13.07
CA ARG A 363 -21.33 -8.69 -12.87
C ARG A 363 -21.53 -8.93 -11.38
N LYS A 364 -22.78 -9.15 -10.95
CA LYS A 364 -22.98 -9.58 -9.58
C LYS A 364 -22.25 -10.91 -9.40
N MSE A 365 -21.74 -11.13 -8.20
CA MSE A 365 -20.83 -12.23 -7.93
C MSE A 365 -21.08 -12.76 -6.56
O MSE A 365 -21.42 -12.01 -5.66
CB MSE A 365 -19.38 -11.70 -8.03
CG MSE A 365 -18.34 -12.60 -7.37
SE MSE A 365 -16.56 -12.33 -8.20
CE MSE A 365 -15.86 -11.28 -6.68
N ARG A 366 -20.94 -14.07 -6.41
CA ARG A 366 -20.80 -14.69 -5.09
C ARG A 366 -19.32 -15.02 -4.88
N ASP A 367 -18.71 -14.39 -3.87
CA ASP A 367 -17.26 -14.49 -3.66
C ASP A 367 -16.83 -15.92 -3.40
N LYS A 368 -15.68 -16.31 -3.94
CA LYS A 368 -14.95 -17.45 -3.39
C LYS A 368 -14.26 -16.92 -2.12
N ALA A 369 -14.81 -17.28 -0.96
CA ALA A 369 -14.22 -16.90 0.34
C ALA A 369 -13.04 -17.79 0.68
N PHE A 370 -12.18 -17.28 1.56
CA PHE A 370 -11.00 -18.00 2.01
C PHE A 370 -11.31 -19.37 2.66
N TRP A 371 -12.34 -19.42 3.50
CA TRP A 371 -12.66 -20.67 4.20
C TRP A 371 -13.06 -21.76 3.17
N GLU A 372 -13.73 -21.32 2.11
CA GLU A 372 -14.18 -22.22 1.04
C GLU A 372 -13.03 -22.81 0.22
N LEU A 373 -11.88 -22.15 0.20
CA LEU A 373 -10.68 -22.71 -0.44
C LEU A 373 -10.25 -23.99 0.28
#